data_3H2F
#
_entry.id   3H2F
#
_cell.length_a   99.317
_cell.length_b   99.317
_cell.length_c   264.430
_cell.angle_alpha   90.00
_cell.angle_beta   90.00
_cell.angle_gamma   120.00
#
_symmetry.space_group_name_H-M   'P 62 2 2'
#
loop_
_entity.id
_entity.type
_entity.pdbx_description
1 polymer 'Dihydropteroate synthase'
2 non-polymer 2-amino-8-methyl-7,8-dihydropteridin-4(3H)-one
3 non-polymer 'SULFATE ION'
4 water water
#
_entity_poly.entity_id   1
_entity_poly.type   'polypeptide(L)'
_entity_poly.pdbx_seq_one_letter_code
;MGSSHHHHHHSSGLVPRGSHMKWDYDLRCGEYTLNLNEKTLIMGILNVTPDSFSDGGSYNEVDAAVRHAKEMRDEGAHII
DIGGESTRPGFAKVSVEEEIKRVVPMIQAVSKEVKLPISIDTYKAEVAKQAIEAGAHIINDIWGAKAEPKIAEVAAHYDV
PIILMHNRDNMNYRNLMADMIADLYDSIKIAKDAGVRDENIILDPGIGFAKTPEQNLEAMRNLEQLNVLGYPVLLGTSRK
SFIGHVLDLPVEERLEGTGATVCLGIEKGCEFVRVHDVKEMSRMAKMMDAMIGKGVK
;
_entity_poly.pdbx_strand_id   A,B
#
# COMPACT_ATOMS: atom_id res chain seq x y z
N MET A 21 17.24 13.92 -35.83
CA MET A 21 17.13 12.89 -36.91
C MET A 21 15.70 12.80 -37.52
N LYS A 22 15.00 11.67 -37.42
CA LYS A 22 13.59 11.61 -37.89
C LYS A 22 12.67 12.65 -37.22
N TRP A 23 12.79 12.86 -35.89
CA TRP A 23 11.88 13.77 -35.20
C TRP A 23 12.60 15.03 -34.73
N ASP A 24 12.05 16.21 -35.03
CA ASP A 24 12.69 17.46 -34.63
C ASP A 24 12.10 18.07 -33.36
N TYR A 25 11.38 17.26 -32.57
CA TYR A 25 10.86 17.65 -31.28
C TYR A 25 10.90 16.44 -30.36
N ASP A 26 10.89 16.69 -29.04
CA ASP A 26 10.66 15.63 -28.03
C ASP A 26 9.17 15.60 -27.60
N LEU A 27 8.69 14.44 -27.15
CA LEU A 27 7.36 14.35 -26.58
C LEU A 27 7.43 14.92 -25.17
N ARG A 28 6.67 15.98 -24.97
CA ARG A 28 6.69 16.71 -23.73
C ARG A 28 5.56 16.23 -22.80
N CYS A 29 5.95 15.65 -21.67
CA CYS A 29 5.00 15.06 -20.71
C CYS A 29 5.13 15.71 -19.31
N GLY A 30 5.03 17.05 -19.28
CA GLY A 30 5.07 17.80 -18.02
C GLY A 30 6.46 17.71 -17.42
N GLU A 31 6.59 17.00 -16.31
CA GLU A 31 7.91 16.83 -15.66
C GLU A 31 8.87 15.93 -16.45
N TYR A 32 8.34 15.06 -17.31
CA TYR A 32 9.18 14.12 -18.04
C TYR A 32 9.19 14.48 -19.51
N THR A 33 10.25 14.09 -20.20
CA THR A 33 10.40 14.29 -21.62
C THR A 33 10.90 13.00 -22.27
N LEU A 34 10.27 12.63 -23.39
CA LEU A 34 10.58 11.41 -24.09
C LEU A 34 11.21 11.77 -25.43
N ASN A 35 12.47 11.40 -25.63
CA ASN A 35 13.17 11.52 -26.90
C ASN A 35 12.73 10.41 -27.90
N LEU A 36 12.31 10.84 -29.09
CA LEU A 36 11.69 9.94 -30.05
C LEU A 36 12.71 9.34 -31.01
N ASN A 37 13.95 9.79 -30.94
CA ASN A 37 15.05 9.36 -31.84
C ASN A 37 16.08 8.43 -31.14
N GLU A 38 16.27 8.57 -29.84
CA GLU A 38 17.32 7.79 -29.18
C GLU A 38 17.00 6.26 -29.18
N LYS A 39 15.74 5.86 -28.96
CA LYS A 39 15.41 4.43 -28.71
C LYS A 39 13.93 4.21 -28.85
N THR A 40 13.52 2.94 -29.05
CA THR A 40 12.13 2.57 -28.97
C THR A 40 11.67 2.67 -27.54
N LEU A 41 10.53 3.34 -27.34
CA LEU A 41 10.00 3.57 -26.02
C LEU A 41 9.09 2.42 -25.58
N ILE A 42 9.28 1.91 -24.37
CA ILE A 42 8.53 0.74 -23.94
C ILE A 42 7.38 1.21 -23.03
N MET A 43 6.13 0.98 -23.45
CA MET A 43 4.97 1.27 -22.57
C MET A 43 4.59 -0.02 -21.87
N GLY A 44 4.77 -0.05 -20.55
CA GLY A 44 4.41 -1.21 -19.77
C GLY A 44 2.96 -1.18 -19.35
N ILE A 45 2.28 -2.32 -19.43
CA ILE A 45 0.85 -2.46 -19.11
C ILE A 45 0.66 -2.82 -17.66
N LEU A 46 0.06 -1.92 -16.90
CA LEU A 46 -0.07 -2.10 -15.45
C LEU A 46 -1.14 -3.12 -15.21
N ASN A 47 -0.84 -4.14 -14.44
CA ASN A 47 -1.97 -5.00 -14.19
C ASN A 47 -2.72 -4.51 -12.98
N VAL A 48 -4.03 -4.43 -13.16
CA VAL A 48 -4.85 -3.49 -12.42
C VAL A 48 -5.98 -4.21 -11.60
N THR A 49 -5.83 -5.53 -11.41
CA THR A 49 -6.82 -6.39 -10.70
C THR A 49 -7.57 -5.78 -9.50
N PRO A 50 -8.91 -5.55 -9.65
CA PRO A 50 -9.72 -4.93 -8.60
C PRO A 50 -9.99 -5.82 -7.40
N ASP A 51 -10.03 -5.23 -6.22
CA ASP A 51 -10.50 -5.88 -5.02
C ASP A 51 -12.02 -6.13 -5.11
N SER A 52 -12.43 -7.37 -4.81
CA SER A 52 -13.85 -7.78 -4.87
C SER A 52 -14.75 -7.16 -3.82
N PHE A 53 -14.19 -6.76 -2.69
CA PHE A 53 -15.01 -6.21 -1.63
C PHE A 53 -14.79 -4.72 -1.45
N SER A 54 -14.49 -4.04 -2.55
CA SER A 54 -13.92 -2.71 -2.51
C SER A 54 -14.44 -1.82 -3.64
N ASP A 55 -14.40 -0.54 -3.34
CA ASP A 55 -14.99 0.52 -4.13
C ASP A 55 -13.88 1.24 -4.95
N GLY A 56 -12.62 0.86 -4.69
CA GLY A 56 -11.42 1.41 -5.35
C GLY A 56 -10.50 1.94 -4.23
N GLY A 57 -9.20 2.03 -4.49
CA GLY A 57 -8.26 2.65 -3.56
C GLY A 57 -7.88 1.88 -2.30
N SER A 58 -8.33 0.63 -2.22
CA SER A 58 -8.02 -0.22 -1.12
C SER A 58 -6.56 -0.63 -1.11
N TYR A 59 -6.07 -1.08 0.05
CA TYR A 59 -4.63 -1.32 0.19
C TYR A 59 -4.12 -2.43 -0.71
N ASN A 60 -4.75 -3.61 -0.71
CA ASN A 60 -4.26 -4.75 -1.50
C ASN A 60 -4.16 -4.43 -3.00
N GLU A 61 -5.17 -3.75 -3.54
CA GLU A 61 -5.21 -3.49 -4.98
C GLU A 61 -4.28 -2.34 -5.42
N VAL A 62 -4.14 -1.30 -4.60
CA VAL A 62 -3.20 -0.23 -4.90
C VAL A 62 -1.75 -0.68 -4.65
N ASP A 63 -1.51 -1.44 -3.59
CA ASP A 63 -0.20 -1.99 -3.34
C ASP A 63 0.26 -2.93 -4.46
N ALA A 64 -0.65 -3.79 -4.94
CA ALA A 64 -0.30 -4.68 -6.07
C ALA A 64 0.11 -3.92 -7.31
N ALA A 65 -0.64 -2.86 -7.62
CA ALA A 65 -0.36 -2.00 -8.75
C ALA A 65 0.98 -1.26 -8.62
N VAL A 66 1.25 -0.70 -7.45
CA VAL A 66 2.52 -0.02 -7.18
C VAL A 66 3.75 -0.96 -7.29
N ARG A 67 3.65 -2.16 -6.71
CA ARG A 67 4.69 -3.18 -6.84
C ARG A 67 4.89 -3.56 -8.31
N HIS A 68 3.83 -3.67 -9.07
CA HIS A 68 3.97 -3.98 -10.47
C HIS A 68 4.57 -2.82 -11.25
N ALA A 69 4.23 -1.58 -10.91
CA ALA A 69 4.84 -0.44 -11.62
C ALA A 69 6.33 -0.33 -11.32
N LYS A 70 6.74 -0.63 -10.08
CA LYS A 70 8.15 -0.59 -9.71
C LYS A 70 8.94 -1.69 -10.42
N GLU A 71 8.42 -2.91 -10.43
CA GLU A 71 9.00 -3.96 -11.24
C GLU A 71 9.15 -3.55 -12.70
N MET A 72 8.13 -2.94 -13.31
CA MET A 72 8.25 -2.65 -14.71
C MET A 72 9.26 -1.55 -14.96
N ARG A 73 9.30 -0.54 -14.10
CA ARG A 73 10.37 0.48 -14.12
C ARG A 73 11.77 -0.13 -14.04
N ASP A 74 11.96 -1.06 -13.10
CA ASP A 74 13.26 -1.73 -12.94
C ASP A 74 13.62 -2.57 -14.15
N GLU A 75 12.61 -3.01 -14.89
CA GLU A 75 12.83 -3.86 -16.10
C GLU A 75 13.03 -3.17 -17.45
N GLY A 76 12.93 -1.84 -17.46
CA GLY A 76 13.16 -1.04 -18.67
C GLY A 76 11.97 -0.31 -19.27
N ALA A 77 10.87 -0.21 -18.51
CA ALA A 77 9.67 0.49 -19.03
C ALA A 77 9.89 1.99 -19.07
N HIS A 78 9.38 2.68 -20.08
CA HIS A 78 9.45 4.16 -20.10
C HIS A 78 8.14 4.87 -19.79
N ILE A 79 7.02 4.15 -19.91
CA ILE A 79 5.71 4.75 -19.68
C ILE A 79 4.94 3.66 -18.97
N ILE A 80 4.05 4.04 -18.05
CA ILE A 80 3.17 3.06 -17.38
C ILE A 80 1.74 3.38 -17.80
N ASP A 81 1.10 2.41 -18.48
CA ASP A 81 -0.30 2.47 -18.94
C ASP A 81 -1.26 1.89 -17.89
N ILE A 82 -2.27 2.69 -17.53
CA ILE A 82 -3.22 2.38 -16.41
C ILE A 82 -4.66 2.56 -16.90
N GLY A 83 -5.48 1.51 -16.83
CA GLY A 83 -6.90 1.59 -17.17
C GLY A 83 -7.79 1.17 -16.02
N GLY A 84 -9.03 1.65 -16.03
CA GLY A 84 -9.98 1.35 -14.95
C GLY A 84 -11.07 0.35 -15.31
N GLU A 85 -11.26 0.15 -16.62
CA GLU A 85 -12.21 -0.81 -17.18
C GLU A 85 -11.43 -1.99 -17.78
N PHE A 91 -12.46 -6.94 -13.53
CA PHE A 91 -13.41 -8.01 -13.21
C PHE A 91 -14.87 -7.51 -13.14
N ALA A 92 -15.27 -6.89 -12.01
CA ALA A 92 -16.67 -6.46 -11.78
C ALA A 92 -17.14 -5.33 -12.72
N LYS A 93 -18.40 -5.37 -13.18
CA LYS A 93 -18.93 -4.30 -14.06
C LYS A 93 -18.92 -2.96 -13.33
N VAL A 94 -18.57 -1.89 -14.05
CA VAL A 94 -18.29 -0.58 -13.45
C VAL A 94 -18.86 0.63 -14.28
N SER A 95 -19.47 1.58 -13.56
CA SER A 95 -19.96 2.83 -14.16
C SER A 95 -18.82 3.86 -14.24
N VAL A 96 -19.04 4.94 -15.01
CA VAL A 96 -18.09 6.06 -15.13
C VAL A 96 -17.58 6.57 -13.77
N GLU A 97 -18.49 6.80 -12.81
CA GLU A 97 -18.12 7.18 -11.45
C GLU A 97 -17.24 6.17 -10.76
N GLU A 98 -17.58 4.90 -10.90
CA GLU A 98 -16.82 3.83 -10.28
C GLU A 98 -15.49 3.58 -10.98
N GLU A 99 -15.44 3.81 -12.29
CA GLU A 99 -14.21 3.75 -13.06
C GLU A 99 -13.21 4.79 -12.57
N ILE A 100 -13.69 5.98 -12.25
CA ILE A 100 -12.86 7.04 -11.68
C ILE A 100 -12.35 6.66 -10.27
N LYS A 101 -13.21 6.11 -9.43
CA LYS A 101 -12.78 5.71 -8.09
C LYS A 101 -11.71 4.61 -8.10
N ARG A 102 -11.73 3.73 -9.09
CA ARG A 102 -10.62 2.78 -9.25
C ARG A 102 -9.33 3.42 -9.73
N VAL A 103 -9.42 4.15 -10.83
CA VAL A 103 -8.20 4.51 -11.51
C VAL A 103 -7.48 5.64 -10.75
N VAL A 104 -8.25 6.53 -10.13
CA VAL A 104 -7.65 7.72 -9.54
C VAL A 104 -6.62 7.43 -8.39
N PRO A 105 -6.96 6.55 -7.41
CA PRO A 105 -5.98 6.19 -6.39
C PRO A 105 -4.77 5.47 -6.93
N MET A 106 -4.92 4.67 -7.96
CA MET A 106 -3.76 4.03 -8.55
C MET A 106 -2.84 5.04 -9.22
N ILE A 107 -3.39 5.95 -10.00
CA ILE A 107 -2.63 7.04 -10.57
C ILE A 107 -1.90 7.90 -9.52
N GLN A 108 -2.57 8.20 -8.40
CA GLN A 108 -1.95 8.98 -7.34
C GLN A 108 -0.79 8.25 -6.69
N ALA A 109 -0.96 6.98 -6.37
CA ALA A 109 0.09 6.23 -5.72
C ALA A 109 1.27 5.97 -6.66
N VAL A 110 0.98 5.49 -7.86
CA VAL A 110 2.02 5.23 -8.84
C VAL A 110 2.82 6.51 -9.20
N SER A 111 2.15 7.63 -9.42
CA SER A 111 2.85 8.85 -9.79
C SER A 111 3.70 9.44 -8.67
N LYS A 112 3.32 9.12 -7.43
CA LYS A 112 4.10 9.49 -6.27
C LYS A 112 5.30 8.56 -6.09
N GLU A 113 5.11 7.28 -6.41
CA GLU A 113 6.08 6.27 -6.01
C GLU A 113 7.00 5.79 -7.14
N VAL A 114 6.59 6.04 -8.38
CA VAL A 114 7.35 5.60 -9.56
C VAL A 114 7.57 6.79 -10.52
N LYS A 115 8.81 7.11 -10.83
CA LYS A 115 9.08 8.33 -11.57
C LYS A 115 9.12 8.10 -13.06
N LEU A 116 7.96 7.83 -13.65
CA LEU A 116 7.80 7.60 -15.11
C LEU A 116 6.53 8.31 -15.56
N PRO A 117 6.43 8.74 -16.83
CA PRO A 117 5.11 9.26 -17.21
C PRO A 117 4.02 8.14 -17.22
N ILE A 118 2.79 8.55 -16.99
CA ILE A 118 1.67 7.66 -16.86
C ILE A 118 0.76 8.00 -18.02
N SER A 119 0.28 6.97 -18.73
CA SER A 119 -0.83 7.13 -19.64
C SER A 119 -2.10 6.55 -19.06
N ILE A 120 -3.20 7.27 -19.28
CA ILE A 120 -4.53 6.81 -18.87
C ILE A 120 -5.21 6.18 -20.09
N ASP A 121 -5.53 4.90 -19.96
CA ASP A 121 -6.25 4.09 -20.98
C ASP A 121 -7.76 4.32 -20.75
N THR A 122 -8.34 5.25 -21.50
CA THR A 122 -9.79 5.57 -21.43
C THR A 122 -10.28 6.22 -22.72
N TYR A 123 -11.53 5.99 -23.14
CA TYR A 123 -12.13 6.70 -24.29
C TYR A 123 -13.18 7.73 -23.79
N LYS A 124 -13.23 7.93 -22.47
CA LYS A 124 -14.24 8.77 -21.81
C LYS A 124 -13.66 10.14 -21.40
N ALA A 125 -14.27 11.22 -21.87
CA ALA A 125 -13.76 12.56 -21.53
C ALA A 125 -13.57 12.77 -20.02
N GLU A 126 -14.57 12.39 -19.23
CA GLU A 126 -14.54 12.66 -17.80
C GLU A 126 -13.46 11.85 -17.05
N VAL A 127 -13.26 10.61 -17.51
CA VAL A 127 -12.24 9.80 -16.90
C VAL A 127 -10.87 10.39 -17.27
N ALA A 128 -10.72 10.84 -18.50
CA ALA A 128 -9.45 11.37 -18.92
C ALA A 128 -9.09 12.57 -18.05
N LYS A 129 -10.07 13.44 -17.83
CA LYS A 129 -9.90 14.64 -17.04
C LYS A 129 -9.47 14.40 -15.58
N GLN A 130 -10.19 13.56 -14.85
CA GLN A 130 -9.77 13.20 -13.48
C GLN A 130 -8.47 12.47 -13.40
N ALA A 131 -8.19 11.58 -14.34
CA ALA A 131 -6.89 10.90 -14.40
C ALA A 131 -5.73 11.86 -14.55
N ILE A 132 -5.86 12.86 -15.42
CA ILE A 132 -4.82 13.90 -15.56
C ILE A 132 -4.68 14.80 -14.30
N GLU A 133 -5.82 15.18 -13.72
CA GLU A 133 -5.86 15.94 -12.49
C GLU A 133 -5.27 15.09 -11.38
N ALA A 134 -5.39 13.76 -11.46
CA ALA A 134 -4.82 12.90 -10.41
C ALA A 134 -3.36 12.62 -10.69
N GLY A 135 -2.83 13.04 -11.86
CA GLY A 135 -1.41 12.87 -12.18
C GLY A 135 -1.03 12.23 -13.52
N ALA A 136 -1.99 11.71 -14.29
CA ALA A 136 -1.62 11.08 -15.59
C ALA A 136 -1.11 12.13 -16.59
N HIS A 137 -0.19 11.71 -17.48
CA HIS A 137 0.54 12.57 -18.40
C HIS A 137 0.12 12.40 -19.84
N ILE A 138 -0.44 11.24 -20.20
CA ILE A 138 -0.72 10.93 -21.60
C ILE A 138 -2.10 10.30 -21.64
N ILE A 139 -2.90 10.64 -22.66
CA ILE A 139 -4.18 9.96 -22.83
C ILE A 139 -4.04 8.83 -23.88
N ASN A 140 -4.47 7.63 -23.52
CA ASN A 140 -4.49 6.49 -24.41
C ASN A 140 -5.93 6.09 -24.80
N ASP A 141 -6.37 6.54 -25.97
CA ASP A 141 -7.76 6.35 -26.39
C ASP A 141 -7.96 5.26 -27.46
N ILE A 142 -8.50 4.11 -27.06
CA ILE A 142 -8.83 3.02 -27.99
C ILE A 142 -9.91 3.33 -29.04
N TRP A 143 -10.62 4.45 -28.88
CA TRP A 143 -11.55 4.89 -29.94
C TRP A 143 -11.14 6.11 -30.68
N GLY A 144 -9.91 6.56 -30.47
CA GLY A 144 -9.36 7.67 -31.29
C GLY A 144 -10.28 8.89 -31.34
N ALA A 145 -10.82 9.27 -30.18
CA ALA A 145 -11.63 10.52 -30.04
C ALA A 145 -12.97 10.42 -30.78
N LYS A 146 -13.33 9.22 -31.22
CA LYS A 146 -14.59 9.02 -31.94
C LYS A 146 -15.81 8.62 -31.05
N ALA A 147 -15.55 7.94 -29.93
CA ALA A 147 -16.63 7.55 -29.02
C ALA A 147 -17.08 8.77 -28.23
N GLU A 148 -16.11 9.54 -27.77
CA GLU A 148 -16.40 10.76 -27.02
C GLU A 148 -15.49 11.88 -27.51
N PRO A 149 -15.89 12.63 -28.57
CA PRO A 149 -15.00 13.67 -29.13
C PRO A 149 -14.48 14.73 -28.14
N LYS A 150 -15.16 14.89 -27.00
CA LYS A 150 -14.77 15.84 -25.94
C LYS A 150 -13.45 15.47 -25.25
N ILE A 151 -13.01 14.24 -25.41
CA ILE A 151 -11.73 13.80 -24.87
C ILE A 151 -10.60 14.56 -25.54
N ALA A 152 -10.81 15.01 -26.76
CA ALA A 152 -9.80 15.72 -27.49
C ALA A 152 -9.74 17.13 -26.96
N GLU A 153 -10.88 17.66 -26.52
CA GLU A 153 -10.92 18.94 -25.80
C GLU A 153 -10.24 18.89 -24.42
N VAL A 154 -10.44 17.80 -23.69
CA VAL A 154 -9.65 17.54 -22.49
C VAL A 154 -8.15 17.53 -22.83
N ALA A 155 -7.75 16.73 -23.83
CA ALA A 155 -6.36 16.70 -24.27
C ALA A 155 -5.85 18.11 -24.63
N ALA A 156 -6.63 18.86 -25.43
CA ALA A 156 -6.24 20.20 -25.83
C ALA A 156 -6.07 21.18 -24.65
N HIS A 157 -7.00 21.17 -23.70
CA HIS A 157 -6.84 22.00 -22.49
C HIS A 157 -5.62 21.72 -21.59
N TYR A 158 -5.34 20.46 -21.29
CA TYR A 158 -4.23 20.10 -20.41
C TYR A 158 -2.91 20.02 -21.18
N ASP A 159 -2.99 20.05 -22.52
CA ASP A 159 -1.82 20.12 -23.36
C ASP A 159 -0.97 18.85 -23.22
N VAL A 160 -1.68 17.72 -23.04
CA VAL A 160 -1.05 16.40 -22.98
C VAL A 160 -1.04 15.65 -24.33
N PRO A 161 -0.07 14.75 -24.52
CA PRO A 161 -0.09 13.86 -25.69
C PRO A 161 -1.30 12.95 -25.65
N ILE A 162 -1.86 12.61 -26.82
CA ILE A 162 -2.99 11.70 -26.92
C ILE A 162 -2.72 10.68 -28.01
N ILE A 163 -2.90 9.41 -27.67
CA ILE A 163 -2.74 8.33 -28.59
C ILE A 163 -4.09 8.07 -29.22
N LEU A 164 -4.17 8.20 -30.55
CA LEU A 164 -5.41 7.95 -31.28
C LEU A 164 -5.31 6.60 -31.95
N MET A 165 -6.02 5.62 -31.39
CA MET A 165 -5.91 4.25 -31.89
C MET A 165 -6.91 4.02 -33.03
N HIS A 166 -6.53 3.23 -34.03
CA HIS A 166 -7.52 2.81 -35.04
C HIS A 166 -8.55 1.78 -34.47
N ASN A 167 -9.84 2.08 -34.67
CA ASN A 167 -10.91 1.20 -34.23
C ASN A 167 -12.14 1.51 -35.07
N ARG A 168 -13.04 0.55 -35.18
CA ARG A 168 -14.34 0.79 -35.72
C ARG A 168 -15.31 -0.26 -35.21
N ASP A 169 -16.59 -0.06 -35.52
CA ASP A 169 -17.59 -0.92 -34.94
C ASP A 169 -17.97 -2.01 -35.96
N ASN A 170 -17.14 -2.20 -36.98
CA ASN A 170 -17.41 -3.18 -38.06
C ASN A 170 -16.13 -3.61 -38.79
N MET A 171 -16.15 -4.73 -39.52
CA MET A 171 -14.92 -5.16 -40.24
C MET A 171 -15.05 -5.06 -41.77
N ASN A 172 -15.96 -4.19 -42.21
CA ASN A 172 -16.23 -4.05 -43.62
C ASN A 172 -15.25 -3.19 -44.42
N TYR A 173 -14.02 -3.67 -44.58
CA TYR A 173 -13.02 -2.92 -45.30
C TYR A 173 -13.14 -3.07 -46.77
N ARG A 174 -13.11 -1.94 -47.48
CA ARG A 174 -12.96 -1.95 -48.92
C ARG A 174 -11.53 -2.35 -49.17
N ASN A 175 -10.61 -1.63 -48.55
CA ASN A 175 -9.18 -1.90 -48.62
C ASN A 175 -8.56 -1.54 -47.30
N LEU A 176 -8.17 -2.57 -46.53
CA LEU A 176 -7.68 -2.47 -45.16
C LEU A 176 -6.82 -1.24 -44.85
N MET A 177 -5.72 -1.04 -45.56
CA MET A 177 -4.77 -0.01 -45.13
C MET A 177 -5.22 1.35 -45.59
N ALA A 178 -5.79 1.41 -46.79
CA ALA A 178 -6.34 2.66 -47.28
C ALA A 178 -7.40 3.15 -46.31
N ASP A 179 -8.25 2.21 -45.87
CA ASP A 179 -9.29 2.48 -44.87
C ASP A 179 -8.78 2.83 -43.51
N MET A 180 -7.74 2.15 -43.00
CA MET A 180 -7.20 2.50 -41.69
C MET A 180 -6.64 3.90 -41.70
N ILE A 181 -5.91 4.25 -42.77
CA ILE A 181 -5.34 5.59 -42.90
C ILE A 181 -6.42 6.65 -42.98
N ALA A 182 -7.48 6.43 -43.78
CA ALA A 182 -8.70 7.30 -43.82
C ALA A 182 -9.30 7.46 -42.42
N ASP A 183 -9.54 6.36 -41.69
CA ASP A 183 -10.12 6.44 -40.35
C ASP A 183 -9.20 7.17 -39.38
N LEU A 184 -7.89 6.91 -39.43
CA LEU A 184 -6.97 7.64 -38.52
C LEU A 184 -7.01 9.12 -38.85
N TYR A 185 -7.02 9.47 -40.11
CA TYR A 185 -7.09 10.86 -40.43
C TYR A 185 -8.37 11.56 -39.88
N ASP A 186 -9.54 10.89 -39.96
CA ASP A 186 -10.74 11.38 -39.26
C ASP A 186 -10.52 11.61 -37.78
N SER A 187 -9.66 10.83 -37.12
CA SER A 187 -9.39 11.03 -35.69
C SER A 187 -8.53 12.24 -35.51
N ILE A 188 -7.51 12.37 -36.36
CA ILE A 188 -6.59 13.54 -36.36
C ILE A 188 -7.36 14.84 -36.56
N LYS A 189 -8.30 14.83 -37.50
CA LYS A 189 -9.18 15.97 -37.71
C LYS A 189 -10.01 16.37 -36.46
N ILE A 190 -10.64 15.40 -35.80
CA ILE A 190 -11.40 15.67 -34.58
C ILE A 190 -10.46 16.28 -33.54
N ALA A 191 -9.23 15.77 -33.47
CA ALA A 191 -8.28 16.22 -32.45
C ALA A 191 -7.74 17.63 -32.78
N LYS A 192 -7.37 17.89 -34.03
CA LYS A 192 -6.95 19.24 -34.44
C LYS A 192 -8.00 20.35 -34.36
N ASP A 193 -9.25 20.02 -34.70
CA ASP A 193 -10.33 20.97 -34.57
C ASP A 193 -10.60 21.31 -33.13
N ALA A 194 -10.18 20.47 -32.21
CA ALA A 194 -10.40 20.73 -30.78
C ALA A 194 -9.23 21.54 -30.22
N GLY A 195 -8.22 21.76 -31.05
CA GLY A 195 -7.00 22.46 -30.66
C GLY A 195 -5.84 21.60 -30.16
N VAL A 196 -5.88 20.28 -30.38
CA VAL A 196 -4.69 19.47 -30.12
C VAL A 196 -3.52 19.88 -31.11
N ARG A 197 -2.35 20.18 -30.55
CA ARG A 197 -1.17 20.50 -31.36
C ARG A 197 -0.59 19.21 -32.03
N ASP A 198 -0.17 19.31 -33.28
CA ASP A 198 0.47 18.19 -33.98
C ASP A 198 1.47 17.41 -33.12
N GLU A 199 2.26 18.11 -32.29
CA GLU A 199 3.25 17.48 -31.38
C GLU A 199 2.69 16.61 -30.28
N ASN A 200 1.40 16.76 -30.01
CA ASN A 200 0.76 15.95 -29.01
C ASN A 200 -0.06 14.79 -29.58
N ILE A 201 0.16 14.45 -30.85
CA ILE A 201 -0.60 13.36 -31.51
C ILE A 201 0.35 12.20 -31.79
N ILE A 202 -0.07 11.03 -31.32
CA ILE A 202 0.52 9.75 -31.57
C ILE A 202 -0.58 8.87 -32.20
N LEU A 203 -0.25 8.05 -33.20
CA LEU A 203 -1.21 7.12 -33.84
C LEU A 203 -0.89 5.68 -33.47
N ASP A 204 -1.85 4.78 -33.72
CA ASP A 204 -1.71 3.38 -33.35
C ASP A 204 -2.63 2.61 -34.34
N PRO A 205 -2.12 1.56 -35.04
CA PRO A 205 -2.97 0.85 -36.02
C PRO A 205 -4.09 -0.01 -35.38
N GLY A 206 -4.21 -0.02 -34.06
CA GLY A 206 -5.28 -0.77 -33.42
C GLY A 206 -5.30 -2.25 -33.75
N ILE A 207 -4.14 -2.88 -33.63
CA ILE A 207 -4.03 -4.33 -33.84
C ILE A 207 -4.95 -5.11 -32.90
N GLY A 208 -5.76 -6.00 -33.45
CA GLY A 208 -6.65 -6.80 -32.64
C GLY A 208 -7.99 -6.11 -32.43
N PHE A 209 -8.22 -4.99 -33.14
CA PHE A 209 -9.48 -4.25 -33.03
C PHE A 209 -10.13 -4.10 -34.36
N ALA A 210 -11.36 -4.59 -34.47
CA ALA A 210 -12.12 -4.53 -35.72
C ALA A 210 -11.43 -5.19 -36.89
N LYS A 211 -10.64 -6.24 -36.63
CA LYS A 211 -9.79 -6.86 -37.67
C LYS A 211 -9.77 -8.36 -37.45
N THR A 212 -9.81 -9.12 -38.56
CA THR A 212 -9.76 -10.57 -38.47
C THR A 212 -8.33 -10.92 -38.19
N PRO A 213 -8.03 -12.20 -37.81
CA PRO A 213 -6.59 -12.51 -37.65
C PRO A 213 -5.79 -12.24 -38.94
N GLU A 214 -6.42 -12.43 -40.11
CA GLU A 214 -5.69 -12.15 -41.38
C GLU A 214 -5.45 -10.68 -41.64
N GLN A 215 -6.39 -9.82 -41.27
CA GLN A 215 -6.21 -8.36 -41.35
C GLN A 215 -5.14 -7.81 -40.41
N ASN A 216 -5.05 -8.39 -39.21
CA ASN A 216 -3.98 -8.03 -38.29
C ASN A 216 -2.61 -8.38 -38.88
N LEU A 217 -2.49 -9.53 -39.55
CA LEU A 217 -1.23 -9.91 -40.21
C LEU A 217 -0.92 -8.96 -41.35
N GLU A 218 -1.96 -8.53 -42.04
CA GLU A 218 -1.82 -7.63 -43.16
C GLU A 218 -1.42 -6.22 -42.75
N ALA A 219 -2.05 -5.69 -41.70
CA ALA A 219 -1.65 -4.43 -41.06
C ALA A 219 -0.21 -4.44 -40.57
N MET A 220 0.21 -5.51 -39.89
CA MET A 220 1.65 -5.71 -39.53
C MET A 220 2.61 -5.70 -40.72
N ARG A 221 2.30 -6.45 -41.75
CA ARG A 221 3.08 -6.46 -42.99
C ARG A 221 3.20 -5.05 -43.65
N ASN A 222 2.27 -4.14 -43.38
CA ASN A 222 2.15 -2.86 -44.15
C ASN A 222 2.21 -1.65 -43.20
N LEU A 223 2.66 -1.89 -41.98
CA LEU A 223 2.77 -0.84 -40.95
C LEU A 223 3.52 0.41 -41.39
N GLU A 224 4.55 0.25 -42.21
CA GLU A 224 5.35 1.42 -42.60
C GLU A 224 4.50 2.54 -43.30
N GLN A 225 3.33 2.18 -43.86
CA GLN A 225 2.44 3.13 -44.56
C GLN A 225 1.91 4.22 -43.60
N LEU A 226 1.85 3.88 -42.32
CA LEU A 226 1.31 4.82 -41.34
C LEU A 226 2.22 6.01 -41.19
N ASN A 227 3.50 5.83 -41.52
CA ASN A 227 4.53 6.86 -41.47
C ASN A 227 4.28 8.03 -42.40
N VAL A 228 3.52 7.83 -43.49
CA VAL A 228 3.15 8.99 -44.31
C VAL A 228 2.30 10.05 -43.58
N LEU A 229 1.60 9.67 -42.53
CA LEU A 229 0.76 10.67 -41.85
C LEU A 229 1.62 11.75 -41.10
N GLY A 230 2.88 11.41 -40.82
CA GLY A 230 3.83 12.38 -40.20
C GLY A 230 3.76 12.40 -38.68
N TYR A 231 3.16 11.39 -38.06
CA TYR A 231 3.12 11.32 -36.57
C TYR A 231 3.83 10.06 -36.02
N PRO A 232 4.30 10.13 -34.75
CA PRO A 232 4.84 8.92 -34.11
C PRO A 232 3.76 7.84 -33.97
N VAL A 233 4.18 6.58 -34.09
CA VAL A 233 3.27 5.46 -34.10
C VAL A 233 3.59 4.60 -32.82
N LEU A 234 2.55 4.23 -32.07
CA LEU A 234 2.64 3.20 -31.06
C LEU A 234 2.05 1.87 -31.56
N LEU A 235 2.71 0.75 -31.28
CA LEU A 235 2.21 -0.56 -31.67
C LEU A 235 1.84 -1.34 -30.43
N GLY A 236 0.64 -1.92 -30.40
CA GLY A 236 0.28 -2.78 -29.24
C GLY A 236 -0.13 -4.17 -29.73
N THR A 237 0.70 -5.18 -29.51
CA THR A 237 0.40 -6.50 -30.07
C THR A 237 0.47 -7.57 -28.99
N SER A 238 0.92 -7.17 -27.81
CA SER A 238 1.33 -8.07 -26.72
C SER A 238 0.26 -9.12 -26.40
N ARG A 239 0.59 -10.38 -26.63
CA ARG A 239 -0.27 -11.53 -26.17
C ARG A 239 -1.61 -11.67 -26.91
N LYS A 240 -1.81 -10.89 -27.96
CA LYS A 240 -3.10 -10.85 -28.63
C LYS A 240 -3.42 -12.14 -29.36
N SER A 241 -4.72 -12.35 -29.58
CA SER A 241 -5.16 -13.62 -30.18
C SER A 241 -4.67 -13.87 -31.61
N PHE A 242 -4.31 -12.87 -32.44
CA PHE A 242 -3.75 -13.21 -33.78
C PHE A 242 -2.44 -14.04 -33.70
N ILE A 243 -1.67 -13.82 -32.65
CA ILE A 243 -0.49 -14.63 -32.33
C ILE A 243 -0.81 -16.07 -31.90
N GLY A 244 -1.86 -16.24 -31.09
CA GLY A 244 -2.34 -17.57 -30.72
C GLY A 244 -2.87 -18.22 -31.96
N HIS A 245 -3.46 -17.44 -32.85
CA HIS A 245 -4.01 -18.03 -34.06
C HIS A 245 -2.90 -18.55 -34.97
N VAL A 246 -1.77 -17.83 -35.06
CA VAL A 246 -0.65 -18.30 -35.91
C VAL A 246 0.06 -19.49 -35.24
N LEU A 247 0.35 -19.38 -33.95
CA LEU A 247 1.19 -20.37 -33.26
C LEU A 247 0.42 -21.51 -32.61
N ASP A 248 -0.91 -21.34 -32.52
CA ASP A 248 -1.81 -22.23 -31.79
C ASP A 248 -1.31 -22.41 -30.34
N LEU A 249 -1.18 -21.29 -29.65
CA LEU A 249 -0.66 -21.29 -28.31
C LEU A 249 -1.54 -20.38 -27.42
N PRO A 250 -1.76 -20.77 -26.15
CA PRO A 250 -2.55 -19.99 -25.22
C PRO A 250 -1.82 -18.71 -24.75
N VAL A 251 -2.55 -17.81 -24.08
CA VAL A 251 -2.09 -16.43 -23.81
C VAL A 251 -0.77 -16.38 -23.04
N GLU A 252 -0.53 -17.38 -22.18
CA GLU A 252 0.69 -17.47 -21.35
C GLU A 252 1.94 -17.99 -22.09
N GLU A 253 1.76 -18.44 -23.34
CA GLU A 253 2.82 -19.02 -24.19
C GLU A 253 3.04 -18.15 -25.48
N ARG A 254 2.78 -16.85 -25.38
CA ARG A 254 2.86 -15.95 -26.53
C ARG A 254 4.04 -15.00 -26.55
N LEU A 255 5.04 -15.25 -25.71
CA LEU A 255 6.20 -14.37 -25.57
C LEU A 255 7.07 -14.23 -26.84
N GLU A 256 7.43 -15.36 -27.44
CA GLU A 256 8.19 -15.38 -28.70
C GLU A 256 7.39 -14.73 -29.83
N GLY A 257 6.10 -15.04 -29.93
CA GLY A 257 5.29 -14.43 -30.96
C GLY A 257 5.14 -12.92 -30.81
N THR A 258 4.91 -12.47 -29.58
CA THR A 258 4.94 -11.01 -29.26
C THR A 258 6.28 -10.41 -29.67
N GLY A 259 7.36 -11.10 -29.35
CA GLY A 259 8.68 -10.63 -29.69
C GLY A 259 8.85 -10.40 -31.18
N ALA A 260 8.36 -11.33 -31.99
CA ALA A 260 8.44 -11.17 -33.47
C ALA A 260 7.68 -9.93 -33.93
N THR A 261 6.49 -9.70 -33.37
CA THR A 261 5.70 -8.49 -33.74
C THR A 261 6.37 -7.15 -33.32
N VAL A 262 6.99 -7.14 -32.13
CA VAL A 262 7.76 -5.99 -31.63
C VAL A 262 8.89 -5.72 -32.60
N CYS A 263 9.65 -6.74 -32.98
CA CYS A 263 10.80 -6.59 -33.91
C CYS A 263 10.42 -6.07 -35.27
N LEU A 264 9.32 -6.58 -35.83
CA LEU A 264 8.88 -6.09 -37.12
C LEU A 264 8.35 -4.68 -37.01
N GLY A 265 7.59 -4.40 -35.96
CA GLY A 265 7.10 -3.08 -35.66
C GLY A 265 8.24 -2.07 -35.65
N ILE A 266 9.34 -2.38 -34.98
CA ILE A 266 10.47 -1.49 -34.88
C ILE A 266 11.18 -1.33 -36.19
N GLU A 267 11.31 -2.43 -36.94
CA GLU A 267 11.92 -2.33 -38.24
C GLU A 267 11.09 -1.44 -39.20
N LYS A 268 9.78 -1.43 -38.99
CA LYS A 268 8.91 -0.61 -39.83
C LYS A 268 8.73 0.82 -39.31
N GLY A 269 9.50 1.23 -38.30
CA GLY A 269 9.52 2.62 -37.87
C GLY A 269 8.68 2.99 -36.66
N CYS A 270 8.09 2.06 -35.92
CA CYS A 270 7.31 2.49 -34.75
CA CYS A 270 7.31 2.44 -34.74
C CYS A 270 8.19 3.06 -33.61
N GLU A 271 7.70 4.14 -32.98
CA GLU A 271 8.38 4.83 -31.90
C GLU A 271 8.10 4.22 -30.47
N PHE A 272 6.97 3.52 -30.30
CA PHE A 272 6.63 2.96 -28.99
C PHE A 272 6.07 1.56 -29.18
N VAL A 273 6.29 0.67 -28.21
CA VAL A 273 5.54 -0.59 -28.14
C VAL A 273 4.90 -0.73 -26.76
N ARG A 274 3.63 -1.18 -26.76
CA ARG A 274 2.85 -1.39 -25.54
C ARG A 274 2.86 -2.90 -25.21
N VAL A 275 3.48 -3.32 -24.11
CA VAL A 275 3.78 -4.74 -23.83
C VAL A 275 3.51 -5.15 -22.37
N HIS A 276 3.23 -6.44 -22.14
CA HIS A 276 3.12 -6.97 -20.78
C HIS A 276 4.51 -7.41 -20.30
N ASP A 277 5.29 -8.07 -21.17
CA ASP A 277 6.55 -8.69 -20.75
C ASP A 277 7.69 -7.69 -20.94
N VAL A 278 7.78 -6.75 -20.02
CA VAL A 278 8.65 -5.59 -20.16
C VAL A 278 10.15 -5.97 -20.22
N LYS A 279 10.60 -6.83 -19.32
CA LYS A 279 11.99 -7.28 -19.36
C LYS A 279 12.41 -7.87 -20.72
N GLU A 280 11.68 -8.85 -21.22
CA GLU A 280 12.04 -9.53 -22.44
C GLU A 280 11.97 -8.52 -23.64
N MET A 281 10.91 -7.71 -23.70
CA MET A 281 10.69 -6.82 -24.84
C MET A 281 11.62 -5.63 -24.87
N SER A 282 12.05 -5.17 -23.69
CA SER A 282 13.08 -4.14 -23.60
C SER A 282 14.43 -4.60 -24.17
N ARG A 283 14.85 -5.83 -23.86
CA ARG A 283 16.03 -6.44 -24.45
C ARG A 283 15.90 -6.64 -25.99
N MET A 284 14.76 -7.14 -26.49
CA MET A 284 14.55 -7.22 -27.94
C MET A 284 14.54 -5.89 -28.61
N ALA A 285 13.84 -4.90 -28.04
CA ALA A 285 13.82 -3.53 -28.63
C ALA A 285 15.22 -2.92 -28.75
N LYS A 286 16.02 -3.08 -27.70
CA LYS A 286 17.40 -2.58 -27.62
C LYS A 286 18.33 -3.22 -28.65
N MET A 287 18.23 -4.54 -28.83
CA MET A 287 18.97 -5.20 -29.90
C MET A 287 18.50 -4.67 -31.28
N MET A 288 17.19 -4.59 -31.50
CA MET A 288 16.68 -4.11 -32.75
C MET A 288 17.22 -2.69 -33.05
N ASP A 289 17.11 -1.77 -32.08
CA ASP A 289 17.64 -0.38 -32.19
C ASP A 289 19.11 -0.32 -32.65
N ALA A 290 19.96 -1.13 -32.04
CA ALA A 290 21.35 -1.13 -32.41
C ALA A 290 21.51 -1.59 -33.87
N MET A 291 20.69 -2.55 -34.31
CA MET A 291 20.88 -3.08 -35.67
C MET A 291 20.39 -2.12 -36.69
N ILE A 292 19.31 -1.42 -36.39
CA ILE A 292 18.81 -0.52 -37.43
C ILE A 292 19.47 0.87 -37.40
N GLY A 293 20.26 1.20 -36.39
CA GLY A 293 20.91 2.50 -36.29
C GLY A 293 20.01 3.54 -35.62
N LYS A 294 19.13 3.10 -34.71
CA LYS A 294 18.39 3.99 -33.82
C LYS A 294 19.05 3.89 -32.44
N LYS B 22 16.57 -16.06 35.48
CA LYS B 22 15.57 -15.41 36.41
C LYS B 22 14.07 -15.71 36.13
N TRP B 23 13.49 -15.24 35.01
CA TRP B 23 12.25 -15.86 34.49
C TRP B 23 12.57 -17.30 33.98
N ASP B 24 11.80 -18.33 34.37
CA ASP B 24 12.11 -19.70 33.86
C ASP B 24 11.31 -20.11 32.61
N TYR B 25 10.72 -19.14 31.93
CA TYR B 25 10.10 -19.42 30.67
C TYR B 25 10.26 -18.19 29.77
N ASP B 26 10.01 -18.40 28.48
CA ASP B 26 9.92 -17.35 27.45
C ASP B 26 8.46 -17.07 27.11
N LEU B 27 8.20 -15.93 26.50
CA LEU B 27 6.85 -15.61 26.06
C LEU B 27 6.72 -16.11 24.64
N ARG B 28 5.76 -17.00 24.45
CA ARG B 28 5.59 -17.74 23.23
C ARG B 28 4.51 -17.06 22.42
N CYS B 29 4.92 -16.54 21.27
CA CYS B 29 4.10 -15.67 20.40
C CYS B 29 3.94 -16.26 18.98
N GLY B 30 3.45 -17.50 18.94
CA GLY B 30 3.28 -18.20 17.66
C GLY B 30 4.64 -18.46 17.06
N GLU B 31 4.86 -17.91 15.87
CA GLU B 31 6.17 -17.98 15.22
C GLU B 31 7.31 -17.25 15.98
N TYR B 32 6.99 -16.29 16.86
CA TYR B 32 8.03 -15.51 17.55
C TYR B 32 8.18 -15.93 19.01
N THR B 33 9.36 -15.70 19.57
CA THR B 33 9.54 -16.00 20.97
C THR B 33 10.25 -14.86 21.63
N LEU B 34 9.76 -14.42 22.80
CA LEU B 34 10.36 -13.25 23.45
C LEU B 34 11.05 -13.68 24.72
N ASN B 35 12.37 -13.50 24.76
CA ASN B 35 13.11 -13.77 25.98
C ASN B 35 12.94 -12.61 27.03
N LEU B 36 12.50 -12.99 28.24
CA LEU B 36 12.18 -12.01 29.31
C LEU B 36 13.40 -11.65 30.14
N ASN B 37 14.51 -12.37 29.94
CA ASN B 37 15.75 -12.18 30.73
C ASN B 37 16.86 -11.33 30.02
N GLU B 38 16.98 -11.45 28.72
CA GLU B 38 18.09 -10.84 28.01
C GLU B 38 18.04 -9.29 28.05
N LYS B 39 16.86 -8.69 27.91
CA LYS B 39 16.74 -7.26 27.76
C LYS B 39 15.34 -6.78 28.02
N THR B 40 15.18 -5.46 28.27
CA THR B 40 13.85 -4.87 28.35
C THR B 40 13.20 -4.90 26.96
N LEU B 41 11.94 -5.35 26.86
CA LEU B 41 11.29 -5.45 25.53
C LEU B 41 10.54 -4.16 25.15
N ILE B 42 10.76 -3.68 23.92
CA ILE B 42 10.20 -2.40 23.57
C ILE B 42 8.96 -2.62 22.74
N MET B 43 7.79 -2.18 23.24
CA MET B 43 6.57 -2.22 22.45
C MET B 43 6.31 -0.85 21.81
N GLY B 44 6.45 -0.78 20.47
CA GLY B 44 6.26 0.47 19.78
C GLY B 44 4.79 0.69 19.45
N ILE B 45 4.31 1.94 19.61
CA ILE B 45 2.91 2.27 19.40
C ILE B 45 2.77 2.68 17.94
N LEU B 46 2.04 1.86 17.16
CA LEU B 46 1.71 2.24 15.74
C LEU B 46 0.82 3.48 15.62
N ASN B 47 1.25 4.44 14.80
CA ASN B 47 0.46 5.58 14.35
C ASN B 47 -0.88 5.17 13.73
N VAL B 48 -1.97 5.53 14.39
CA VAL B 48 -3.31 5.28 13.87
C VAL B 48 -4.07 6.64 13.61
N THR B 49 -4.64 6.79 12.42
CA THR B 49 -5.29 8.05 12.02
C THR B 49 -6.75 7.85 11.57
N SER B 52 -8.28 9.70 7.69
CA SER B 52 -8.78 8.59 6.86
C SER B 52 -10.31 8.59 6.75
N PHE B 53 -10.85 9.64 6.14
CA PHE B 53 -12.31 9.86 5.98
C PHE B 53 -13.06 8.77 5.19
N SER B 54 -14.03 8.16 5.89
CA SER B 54 -14.79 7.00 5.41
C SER B 54 -14.04 5.67 5.66
N ASP B 55 -13.88 4.89 4.59
CA ASP B 55 -13.53 3.49 4.71
C ASP B 55 -12.19 3.20 5.35
N GLY B 56 -12.18 2.22 6.25
CA GLY B 56 -10.93 1.61 6.75
C GLY B 56 -10.33 0.73 5.67
N GLY B 57 -9.03 0.46 5.78
CA GLY B 57 -8.33 -0.42 4.83
C GLY B 57 -7.93 0.21 3.50
N SER B 58 -8.11 1.52 3.34
CA SER B 58 -7.75 2.27 2.13
C SER B 58 -6.22 2.33 2.05
N TYR B 59 -5.70 2.63 0.88
CA TYR B 59 -4.27 2.56 0.64
C TYR B 59 -3.40 3.46 1.51
N ASN B 60 -3.82 4.71 1.65
CA ASN B 60 -2.99 5.70 2.30
C ASN B 60 -2.80 5.43 3.79
N GLU B 61 -3.84 4.94 4.44
CA GLU B 61 -3.73 4.75 5.85
C GLU B 61 -3.03 3.42 6.15
N VAL B 62 -3.18 2.39 5.31
CA VAL B 62 -2.52 1.10 5.56
C VAL B 62 -1.06 1.16 5.13
N ASP B 63 -0.78 1.81 3.98
CA ASP B 63 0.61 2.09 3.55
C ASP B 63 1.37 2.93 4.61
N ALA B 64 0.76 4.01 5.08
CA ALA B 64 1.33 4.79 6.23
C ALA B 64 1.66 3.94 7.48
N ALA B 65 0.75 3.06 7.84
CA ALA B 65 0.93 2.12 8.96
C ALA B 65 2.08 1.10 8.78
N VAL B 66 2.16 0.49 7.60
CA VAL B 66 3.27 -0.44 7.26
C VAL B 66 4.64 0.31 7.34
N ARG B 67 4.69 1.53 6.78
CA ARG B 67 5.90 2.37 6.81
C ARG B 67 6.32 2.69 8.24
N HIS B 68 5.39 3.05 9.09
CA HIS B 68 5.73 3.38 10.44
C HIS B 68 6.19 2.14 11.18
N ALA B 69 5.53 1.00 10.95
CA ALA B 69 5.94 -0.28 11.56
C ALA B 69 7.38 -0.68 11.20
N LYS B 70 7.72 -0.47 9.93
CA LYS B 70 9.09 -0.73 9.49
C LYS B 70 10.12 0.21 10.12
N GLU B 71 9.78 1.47 10.22
CA GLU B 71 10.63 2.44 10.92
C GLU B 71 10.86 2.04 12.40
N MET B 72 9.81 1.62 13.10
CA MET B 72 9.93 1.23 14.50
C MET B 72 10.73 -0.07 14.65
N ARG B 73 10.47 -1.06 13.78
CA ARG B 73 11.37 -2.20 13.62
C ARG B 73 12.85 -1.85 13.47
N ASP B 74 13.17 -1.00 12.50
CA ASP B 74 14.53 -0.57 12.29
C ASP B 74 15.10 0.19 13.49
N GLU B 75 14.23 0.78 14.32
CA GLU B 75 14.63 1.62 15.46
C GLU B 75 14.82 0.87 16.81
N GLY B 76 14.45 -0.42 16.83
CA GLY B 76 14.64 -1.29 17.98
C GLY B 76 13.40 -1.90 18.61
N ALA B 77 12.22 -1.72 17.99
CA ALA B 77 10.95 -2.25 18.56
C ALA B 77 10.91 -3.78 18.49
N HIS B 78 10.37 -4.45 19.53
CA HIS B 78 10.23 -5.92 19.59
C HIS B 78 8.79 -6.35 19.45
N ILE B 79 7.87 -5.44 19.68
CA ILE B 79 6.45 -5.69 19.52
C ILE B 79 5.88 -4.39 18.89
N ILE B 80 4.89 -4.56 18.03
CA ILE B 80 4.12 -3.44 17.44
C ILE B 80 2.70 -3.49 18.00
N ASP B 81 2.29 -2.41 18.64
CA ASP B 81 0.96 -2.33 19.24
C ASP B 81 0.02 -1.59 18.31
N ILE B 82 -1.12 -2.20 17.99
CA ILE B 82 -2.01 -1.61 16.98
C ILE B 82 -3.41 -1.50 17.61
N GLY B 83 -4.00 -0.31 17.60
CA GLY B 83 -5.29 -0.12 18.23
C GLY B 83 -6.19 0.92 17.61
N GLY B 84 -7.34 0.46 17.08
CA GLY B 84 -8.42 1.31 16.53
C GLY B 84 -9.27 1.90 17.66
N GLU B 85 -10.09 2.90 17.33
CA GLU B 85 -10.87 3.70 18.32
C GLU B 85 -10.65 5.20 18.15
N VAL B 94 -18.36 4.53 17.82
CA VAL B 94 -18.08 3.81 16.57
C VAL B 94 -18.06 2.30 16.89
N SER B 95 -18.89 1.54 16.15
CA SER B 95 -19.27 0.15 16.47
C SER B 95 -18.15 -0.87 16.32
N VAL B 96 -18.27 -1.97 17.09
CA VAL B 96 -17.41 -3.15 16.98
C VAL B 96 -16.97 -3.48 15.52
N GLU B 97 -17.94 -3.47 14.59
CA GLU B 97 -17.70 -3.89 13.21
C GLU B 97 -16.89 -2.86 12.41
N GLU B 98 -17.12 -1.56 12.64
CA GLU B 98 -16.24 -0.50 12.10
C GLU B 98 -14.81 -0.52 12.66
N GLU B 99 -14.67 -0.78 13.96
CA GLU B 99 -13.34 -0.97 14.54
C GLU B 99 -12.63 -2.17 13.91
N ILE B 100 -13.37 -3.22 13.56
CA ILE B 100 -12.78 -4.41 12.94
C ILE B 100 -12.31 -4.07 11.52
N LYS B 101 -13.17 -3.38 10.75
CA LYS B 101 -12.86 -2.95 9.39
C LYS B 101 -11.59 -2.12 9.34
N ARG B 102 -11.32 -1.32 10.38
CA ARG B 102 -10.12 -0.47 10.40
C ARG B 102 -8.88 -1.24 10.83
N VAL B 103 -9.02 -2.04 11.87
CA VAL B 103 -7.84 -2.58 12.47
C VAL B 103 -7.33 -3.82 11.69
N VAL B 104 -8.24 -4.60 11.11
CA VAL B 104 -7.87 -5.89 10.52
C VAL B 104 -6.97 -5.75 9.23
N PRO B 105 -7.31 -4.83 8.32
CA PRO B 105 -6.42 -4.60 7.15
C PRO B 105 -4.99 -4.19 7.58
N MET B 106 -4.92 -3.40 8.65
CA MET B 106 -3.65 -3.01 9.22
C MET B 106 -2.83 -4.17 9.79
N ILE B 107 -3.42 -4.97 10.67
CA ILE B 107 -2.83 -6.22 11.12
C ILE B 107 -2.37 -7.14 10.00
N GLN B 108 -3.21 -7.39 8.99
CA GLN B 108 -2.84 -8.22 7.86
C GLN B 108 -1.59 -7.74 7.14
N ALA B 109 -1.58 -6.47 6.70
CA ALA B 109 -0.44 -5.87 6.00
C ALA B 109 0.83 -5.83 6.88
N VAL B 110 0.70 -5.40 8.14
CA VAL B 110 1.86 -5.34 9.04
C VAL B 110 2.44 -6.74 9.39
N SER B 111 1.59 -7.71 9.76
CA SER B 111 2.03 -9.08 9.93
C SER B 111 2.74 -9.69 8.72
N LYS B 112 2.32 -9.30 7.51
CA LYS B 112 2.94 -9.78 6.29
C LYS B 112 4.30 -9.13 6.02
N GLU B 113 4.38 -7.82 6.25
CA GLU B 113 5.51 -7.01 5.78
C GLU B 113 6.57 -6.77 6.82
N VAL B 114 6.24 -6.93 8.11
CA VAL B 114 7.16 -6.64 9.24
C VAL B 114 7.20 -7.85 10.19
N LYS B 115 8.39 -8.41 10.37
CA LYS B 115 8.52 -9.64 11.11
C LYS B 115 8.68 -9.42 12.63
N LEU B 116 7.61 -8.99 13.30
CA LEU B 116 7.62 -8.82 14.78
C LEU B 116 6.27 -9.29 15.28
N PRO B 117 6.17 -9.70 16.56
CA PRO B 117 4.83 -9.89 17.11
C PRO B 117 3.98 -8.58 17.14
N ILE B 118 2.67 -8.74 16.98
CA ILE B 118 1.71 -7.65 17.00
C ILE B 118 0.82 -7.81 18.17
N SER B 119 0.58 -6.72 18.89
CA SER B 119 -0.44 -6.79 19.92
C SER B 119 -1.60 -6.01 19.42
N ILE B 120 -2.80 -6.55 19.68
CA ILE B 120 -4.04 -5.84 19.38
C ILE B 120 -4.50 -5.12 20.61
N ASP B 121 -4.52 -3.81 20.50
CA ASP B 121 -4.98 -2.97 21.60
C ASP B 121 -6.50 -2.96 21.58
N THR B 122 -7.13 -3.81 22.37
CA THR B 122 -8.60 -3.81 22.45
C THR B 122 -9.13 -4.28 23.79
N TYR B 123 -10.28 -3.79 24.24
CA TYR B 123 -10.97 -4.47 25.37
C TYR B 123 -12.12 -5.40 24.96
N LYS B 124 -12.39 -5.49 23.66
CA LYS B 124 -13.55 -6.20 23.12
C LYS B 124 -13.20 -7.60 22.66
N ALA B 125 -13.99 -8.58 23.12
CA ALA B 125 -13.82 -10.00 22.74
C ALA B 125 -13.81 -10.21 21.22
N GLU B 126 -14.67 -9.49 20.51
CA GLU B 126 -14.89 -9.80 19.08
C GLU B 126 -13.78 -9.21 18.20
N VAL B 127 -13.29 -8.04 18.61
CA VAL B 127 -12.15 -7.39 17.94
C VAL B 127 -10.90 -8.25 18.16
N ALA B 128 -10.73 -8.76 19.38
CA ALA B 128 -9.56 -9.58 19.67
C ALA B 128 -9.58 -10.86 18.82
N LYS B 129 -10.72 -11.55 18.79
CA LYS B 129 -10.83 -12.73 17.95
C LYS B 129 -10.41 -12.46 16.49
N GLN B 130 -11.01 -11.47 15.85
CA GLN B 130 -10.75 -11.21 14.41
C GLN B 130 -9.32 -10.76 14.18
N ALA B 131 -8.80 -9.99 15.14
CA ALA B 131 -7.46 -9.43 15.10
C ALA B 131 -6.42 -10.55 15.17
N ILE B 132 -6.68 -11.53 16.05
CA ILE B 132 -5.88 -12.76 16.15
C ILE B 132 -5.94 -13.58 14.84
N GLU B 133 -7.15 -13.80 14.33
CA GLU B 133 -7.36 -14.45 13.03
C GLU B 133 -6.70 -13.71 11.85
N ALA B 134 -6.66 -12.37 11.92
CA ALA B 134 -5.96 -11.53 10.94
C ALA B 134 -4.43 -11.55 11.09
N GLY B 135 -3.91 -12.10 12.21
CA GLY B 135 -2.46 -12.21 12.42
C GLY B 135 -1.83 -11.67 13.72
N ALA B 136 -2.63 -11.16 14.66
CA ALA B 136 -2.07 -10.58 15.90
C ALA B 136 -1.60 -11.69 16.84
N HIS B 137 -0.63 -11.39 17.70
CA HIS B 137 -0.05 -12.40 18.58
C HIS B 137 -0.37 -12.24 20.06
N ILE B 138 -0.81 -11.04 20.44
CA ILE B 138 -0.89 -10.63 21.86
C ILE B 138 -2.11 -9.74 22.02
N ILE B 139 -2.87 -9.96 23.07
CA ILE B 139 -4.03 -9.11 23.37
C ILE B 139 -3.59 -8.08 24.40
N ASN B 140 -3.77 -6.80 24.07
CA ASN B 140 -3.50 -5.71 25.03
C ASN B 140 -4.80 -5.06 25.50
N ASP B 141 -5.24 -5.41 26.70
CA ASP B 141 -6.58 -5.00 27.18
C ASP B 141 -6.51 -3.95 28.28
N ILE B 142 -6.87 -2.71 27.91
CA ILE B 142 -6.92 -1.59 28.89
C ILE B 142 -7.90 -1.75 30.07
N TRP B 143 -8.74 -2.77 30.04
CA TRP B 143 -9.72 -3.00 31.13
C TRP B 143 -9.47 -4.29 31.81
N GLY B 144 -8.40 -4.97 31.40
CA GLY B 144 -7.96 -6.22 32.03
C GLY B 144 -9.04 -7.28 32.23
N ALA B 145 -9.74 -7.59 31.13
CA ALA B 145 -10.85 -8.56 31.09
C ALA B 145 -12.08 -8.19 31.93
N LYS B 146 -12.24 -6.93 32.30
CA LYS B 146 -13.35 -6.58 33.19
C LYS B 146 -14.51 -5.97 32.42
N ALA B 147 -14.20 -5.43 31.24
CA ALA B 147 -15.17 -4.80 30.40
C ALA B 147 -15.98 -5.89 29.69
N GLU B 148 -15.27 -6.86 29.14
CA GLU B 148 -15.88 -7.97 28.44
C GLU B 148 -15.10 -9.20 28.85
N PRO B 149 -15.54 -9.91 29.92
CA PRO B 149 -14.84 -11.13 30.37
C PRO B 149 -14.56 -12.22 29.34
N LYS B 150 -15.37 -12.31 28.27
CA LYS B 150 -15.15 -13.23 27.13
C LYS B 150 -13.79 -13.07 26.40
N ILE B 151 -13.15 -11.91 26.54
CA ILE B 151 -11.83 -11.70 25.95
C ILE B 151 -10.80 -12.72 26.52
N ALA B 152 -10.98 -13.13 27.77
CA ALA B 152 -10.15 -14.15 28.40
C ALA B 152 -10.36 -15.54 27.80
N GLU B 153 -11.60 -15.88 27.43
CA GLU B 153 -11.91 -17.09 26.65
C GLU B 153 -11.26 -17.04 25.26
N VAL B 154 -11.24 -15.84 24.67
CA VAL B 154 -10.52 -15.66 23.41
C VAL B 154 -9.03 -15.93 23.57
N ALA B 155 -8.40 -15.31 24.57
CA ALA B 155 -7.01 -15.52 24.85
C ALA B 155 -6.70 -17.02 25.07
N ALA B 156 -7.48 -17.67 25.94
CA ALA B 156 -7.33 -19.08 26.27
C ALA B 156 -7.41 -19.96 25.05
N HIS B 157 -8.36 -19.68 24.16
CA HIS B 157 -8.62 -20.52 22.98
C HIS B 157 -7.50 -20.43 21.98
N TYR B 158 -6.96 -19.23 21.82
CA TYR B 158 -5.88 -19.03 20.89
C TYR B 158 -4.52 -19.27 21.53
N ASP B 159 -4.50 -19.45 22.86
CA ASP B 159 -3.24 -19.67 23.58
C ASP B 159 -2.25 -18.49 23.43
N VAL B 160 -2.79 -17.25 23.39
CA VAL B 160 -1.96 -16.05 23.25
C VAL B 160 -1.67 -15.29 24.59
N PRO B 161 -0.54 -14.59 24.67
CA PRO B 161 -0.36 -13.73 25.86
C PRO B 161 -1.39 -12.65 25.94
N ILE B 162 -1.83 -12.34 27.15
CA ILE B 162 -2.74 -11.21 27.33
C ILE B 162 -2.21 -10.26 28.38
N ILE B 163 -2.24 -8.97 28.08
CA ILE B 163 -1.82 -7.91 28.99
C ILE B 163 -3.08 -7.43 29.73
N LEU B 164 -3.06 -7.57 31.04
CA LEU B 164 -4.19 -7.16 31.86
C LEU B 164 -3.81 -5.85 32.52
N MET B 165 -4.35 -4.74 32.03
CA MET B 165 -3.98 -3.42 32.60
C MET B 165 -4.85 -3.04 33.79
N HIS B 166 -4.26 -2.36 34.77
CA HIS B 166 -5.06 -1.80 35.88
C HIS B 166 -5.94 -0.64 35.42
N ASN B 167 -7.22 -0.70 35.74
CA ASN B 167 -8.13 0.38 35.38
C ASN B 167 -9.33 0.27 36.34
N ARG B 168 -10.09 1.35 36.47
CA ARG B 168 -11.32 1.34 37.26
C ARG B 168 -12.09 2.63 36.96
N ASP B 169 -13.33 2.71 37.42
CA ASP B 169 -14.16 3.86 37.05
C ASP B 169 -14.15 4.99 38.09
N ASN B 170 -13.21 4.94 39.04
CA ASN B 170 -13.10 5.98 40.05
C ASN B 170 -11.66 6.15 40.48
N MET B 171 -11.38 7.28 41.12
CA MET B 171 -10.04 7.55 41.63
C MET B 171 -10.01 7.52 43.15
N ASN B 172 -10.90 6.74 43.77
CA ASN B 172 -10.98 6.68 45.23
C ASN B 172 -10.22 5.49 45.86
N TYR B 173 -9.02 5.73 46.33
CA TYR B 173 -8.21 4.64 46.79
C TYR B 173 -7.99 4.68 48.30
N ARG B 174 -8.14 3.54 48.96
CA ARG B 174 -7.76 3.42 50.35
C ARG B 174 -6.22 3.47 50.51
N ASN B 175 -5.52 2.72 49.67
CA ASN B 175 -4.06 2.54 49.71
C ASN B 175 -3.88 2.23 48.25
N LEU B 176 -3.35 3.19 47.50
CA LEU B 176 -3.24 3.09 46.05
C LEU B 176 -2.67 1.76 45.62
N MET B 177 -1.47 1.40 46.10
CA MET B 177 -0.79 0.20 45.54
C MET B 177 -1.47 -1.11 45.95
N ALA B 178 -1.98 -1.12 47.16
CA ALA B 178 -2.68 -2.27 47.73
C ALA B 178 -4.00 -2.51 46.96
N ASP B 179 -4.72 -1.44 46.70
CA ASP B 179 -5.91 -1.44 45.83
C ASP B 179 -5.61 -1.84 44.39
N MET B 180 -4.51 -1.34 43.83
CA MET B 180 -4.15 -1.70 42.45
C MET B 180 -3.85 -3.20 42.34
N ILE B 181 -3.06 -3.74 43.30
CA ILE B 181 -2.77 -5.16 43.36
C ILE B 181 -4.04 -6.00 43.53
N ALA B 182 -4.90 -5.65 44.49
CA ALA B 182 -6.22 -6.25 44.62
C ALA B 182 -7.03 -6.27 43.28
N ASP B 183 -7.12 -5.13 42.58
CA ASP B 183 -7.75 -5.07 41.25
C ASP B 183 -7.05 -5.92 40.19
N LEU B 184 -5.72 -5.86 40.16
CA LEU B 184 -5.00 -6.71 39.22
C LEU B 184 -5.24 -8.21 39.52
N TYR B 185 -5.28 -8.61 40.81
CA TYR B 185 -5.58 -9.97 41.09
C TYR B 185 -7.01 -10.36 40.60
N ASP B 186 -8.00 -9.49 40.78
CA ASP B 186 -9.37 -9.76 40.21
C ASP B 186 -9.32 -10.04 38.68
N SER B 187 -8.47 -9.31 37.96
CA SER B 187 -8.28 -9.53 36.53
C SER B 187 -7.60 -10.89 36.30
N ILE B 188 -6.57 -11.21 37.11
CA ILE B 188 -5.89 -12.50 37.01
C ILE B 188 -6.87 -13.66 37.22
N LYS B 189 -7.73 -13.53 38.23
CA LYS B 189 -8.75 -14.53 38.52
C LYS B 189 -9.69 -14.74 37.34
N ILE B 190 -10.20 -13.67 36.74
CA ILE B 190 -10.95 -13.80 35.47
C ILE B 190 -10.19 -14.57 34.33
N ALA B 191 -8.92 -14.24 34.09
CA ALA B 191 -8.16 -14.92 33.01
C ALA B 191 -8.00 -16.40 33.32
N LYS B 192 -7.62 -16.73 34.55
CA LYS B 192 -7.40 -18.13 34.96
C LYS B 192 -8.67 -18.97 34.99
N ASP B 193 -9.78 -18.37 35.41
CA ASP B 193 -11.09 -19.02 35.41
C ASP B 193 -11.53 -19.35 33.98
N ALA B 194 -10.98 -18.62 33.02
CA ALA B 194 -11.30 -18.86 31.61
C ALA B 194 -10.33 -19.84 30.97
N GLY B 195 -9.27 -20.21 31.68
CA GLY B 195 -8.26 -21.16 31.21
C GLY B 195 -7.01 -20.51 30.65
N VAL B 196 -6.80 -19.21 30.89
CA VAL B 196 -5.52 -18.60 30.56
C VAL B 196 -4.39 -19.17 31.44
N ARG B 197 -3.31 -19.66 30.81
CA ARG B 197 -2.16 -20.22 31.54
C ARG B 197 -1.33 -19.08 32.16
N ASP B 198 -0.77 -19.32 33.36
CA ASP B 198 0.06 -18.33 34.01
C ASP B 198 1.11 -17.71 33.05
N GLU B 199 1.75 -18.54 32.22
CA GLU B 199 2.76 -18.06 31.28
C GLU B 199 2.23 -17.04 30.25
N ASN B 200 0.92 -16.98 30.08
CA ASN B 200 0.34 -16.04 29.11
C ASN B 200 -0.22 -14.79 29.78
N ILE B 201 0.12 -14.57 31.04
CA ILE B 201 -0.34 -13.36 31.74
C ILE B 201 0.76 -12.31 31.88
N ILE B 202 0.43 -11.10 31.45
CA ILE B 202 1.26 -9.90 31.68
C ILE B 202 0.41 -8.85 32.43
N LEU B 203 1.01 -8.14 33.38
CA LEU B 203 0.28 -7.13 34.16
C LEU B 203 0.80 -5.75 33.81
N ASP B 204 0.00 -4.74 34.09
CA ASP B 204 0.35 -3.37 33.71
C ASP B 204 -0.31 -2.47 34.80
N PRO B 205 0.48 -1.55 35.45
CA PRO B 205 -0.08 -0.64 36.46
C PRO B 205 -1.08 0.45 35.91
N GLY B 206 -1.29 0.54 34.60
CA GLY B 206 -2.27 1.47 34.05
C GLY B 206 -2.00 2.93 34.42
N ILE B 207 -0.74 3.35 34.27
CA ILE B 207 -0.35 4.73 34.50
C ILE B 207 -1.19 5.66 33.60
N GLY B 208 -1.80 6.69 34.20
CA GLY B 208 -2.59 7.54 33.41
C GLY B 208 -4.04 7.09 33.40
N PHE B 209 -4.42 6.02 34.10
CA PHE B 209 -5.83 5.57 34.05
C PHE B 209 -6.38 5.52 35.44
N ALA B 210 -7.51 6.22 35.66
CA ALA B 210 -8.18 6.27 36.96
C ALA B 210 -7.23 6.64 38.06
N LYS B 211 -6.26 7.50 37.75
CA LYS B 211 -5.35 8.08 38.76
C LYS B 211 -5.14 9.59 38.54
N THR B 212 -5.03 10.33 39.62
CA THR B 212 -4.66 11.74 39.55
C THR B 212 -3.16 11.85 39.20
N PRO B 213 -2.68 13.06 38.78
CA PRO B 213 -1.22 13.31 38.56
C PRO B 213 -0.35 12.84 39.74
N GLU B 214 -0.77 13.09 40.97
CA GLU B 214 -0.03 12.62 42.14
C GLU B 214 -0.11 11.13 42.38
N GLN B 215 -1.25 10.50 42.11
CA GLN B 215 -1.32 9.04 42.20
C GLN B 215 -0.41 8.32 41.18
N ASN B 216 -0.29 8.86 39.98
CA ASN B 216 0.60 8.36 38.98
C ASN B 216 2.08 8.39 39.38
N LEU B 217 2.49 9.45 40.06
CA LEU B 217 3.81 9.61 40.61
C LEU B 217 4.02 8.63 41.73
N GLU B 218 3.00 8.48 42.58
CA GLU B 218 3.04 7.47 43.63
C GLU B 218 3.17 6.02 43.11
N ALA B 219 2.41 5.66 42.07
CA ALA B 219 2.49 4.32 41.47
C ALA B 219 3.87 4.08 40.90
N MET B 220 4.41 5.05 40.15
CA MET B 220 5.80 5.00 39.64
C MET B 220 6.82 4.76 40.77
N ARG B 221 6.69 5.55 41.82
CA ARG B 221 7.52 5.44 43.05
C ARG B 221 7.50 4.06 43.69
N ASN B 222 6.43 3.27 43.49
CA ASN B 222 6.16 2.01 44.24
C ASN B 222 5.93 0.81 43.33
N LEU B 223 6.32 0.98 42.07
CA LEU B 223 6.06 0.03 41.03
C LEU B 223 6.62 -1.36 41.35
N GLU B 224 7.75 -1.40 42.05
CA GLU B 224 8.36 -2.67 42.43
C GLU B 224 7.43 -3.59 43.25
N GLN B 225 6.39 -3.03 43.89
CA GLN B 225 5.45 -3.90 44.64
C GLN B 225 4.66 -4.85 43.71
N LEU B 226 4.51 -4.54 42.43
CA LEU B 226 3.70 -5.42 41.57
C LEU B 226 4.36 -6.75 41.32
N ASN B 227 5.67 -6.80 41.53
CA ASN B 227 6.46 -7.97 41.27
C ASN B 227 6.10 -9.11 42.16
N VAL B 228 5.53 -8.85 43.35
CA VAL B 228 5.05 -9.91 44.26
C VAL B 228 3.99 -10.82 43.62
N LEU B 229 3.24 -10.31 42.63
CA LEU B 229 2.25 -11.17 41.97
C LEU B 229 2.86 -12.31 41.14
N GLY B 230 4.12 -12.17 40.72
CA GLY B 230 4.84 -13.26 40.10
C GLY B 230 4.65 -13.23 38.59
N TYR B 231 4.14 -12.13 38.03
CA TYR B 231 3.97 -12.02 36.55
C TYR B 231 4.82 -10.88 35.95
N PRO B 232 5.24 -11.02 34.67
CA PRO B 232 5.97 -9.94 34.01
C PRO B 232 5.10 -8.70 33.96
N VAL B 233 5.75 -7.54 33.97
CA VAL B 233 5.07 -6.25 34.05
C VAL B 233 5.39 -5.42 32.81
N LEU B 234 4.35 -4.85 32.18
CA LEU B 234 4.54 -3.89 31.11
C LEU B 234 4.23 -2.47 31.62
N LEU B 235 5.09 -1.51 31.31
CA LEU B 235 4.87 -0.13 31.70
C LEU B 235 4.55 0.77 30.51
N GLY B 236 3.44 1.50 30.58
CA GLY B 236 3.15 2.48 29.51
C GLY B 236 3.00 3.90 30.02
N THR B 237 3.96 4.76 29.74
CA THR B 237 3.97 6.12 30.31
C THR B 237 4.18 7.21 29.23
N SER B 238 4.50 6.76 28.01
CA SER B 238 5.01 7.58 26.91
C SER B 238 4.14 8.78 26.67
N ARG B 239 4.69 9.97 26.89
CA ARG B 239 4.01 11.25 26.57
C ARG B 239 2.78 11.60 27.42
N LYS B 240 2.53 10.84 28.49
CA LYS B 240 1.23 10.97 29.17
C LYS B 240 1.17 12.30 29.90
N SER B 241 -0.05 12.66 30.34
CA SER B 241 -0.24 13.95 30.88
C SER B 241 0.32 14.17 32.29
N PHE B 242 0.62 13.12 33.06
CA PHE B 242 1.27 13.38 34.35
C PHE B 242 2.68 13.89 34.11
N ILE B 243 3.27 13.58 32.97
CA ILE B 243 4.57 14.15 32.61
C ILE B 243 4.47 15.64 32.25
N GLY B 244 3.46 16.01 31.46
CA GLY B 244 3.15 17.45 31.22
C GLY B 244 2.92 18.24 32.50
N HIS B 245 2.27 17.63 33.49
CA HIS B 245 1.94 18.32 34.72
C HIS B 245 3.20 18.63 35.54
N VAL B 246 4.13 17.69 35.60
CA VAL B 246 5.41 17.89 36.29
C VAL B 246 6.29 18.92 35.52
N LEU B 247 6.46 18.74 34.21
CA LEU B 247 7.38 19.59 33.45
C LEU B 247 6.76 20.88 32.91
N ASP B 248 5.43 20.95 32.91
CA ASP B 248 4.67 22.03 32.19
C ASP B 248 5.08 22.11 30.71
N LEU B 249 4.99 20.97 30.02
CA LEU B 249 5.35 20.86 28.60
C LEU B 249 4.24 20.16 27.77
N PRO B 250 4.00 20.61 26.49
CA PRO B 250 2.97 19.97 25.64
C PRO B 250 3.39 18.60 25.14
N VAL B 251 2.44 17.83 24.59
CA VAL B 251 2.65 16.42 24.26
C VAL B 251 3.89 16.14 23.40
N GLU B 252 4.23 17.09 22.51
CA GLU B 252 5.42 16.92 21.68
C GLU B 252 6.76 17.24 22.37
N GLU B 253 6.73 17.78 23.57
CA GLU B 253 7.95 18.15 24.28
C GLU B 253 8.16 17.24 25.54
N ARG B 254 7.77 15.97 25.43
CA ARG B 254 7.77 15.07 26.60
C ARG B 254 8.75 13.89 26.53
N LEU B 255 9.70 13.93 25.60
CA LEU B 255 10.63 12.83 25.36
C LEU B 255 11.56 12.58 26.54
N GLU B 256 12.10 13.66 27.12
CA GLU B 256 12.94 13.62 28.30
C GLU B 256 12.17 13.15 29.53
N GLY B 257 10.96 13.67 29.75
CA GLY B 257 10.13 13.17 30.83
C GLY B 257 9.76 11.71 30.71
N THR B 258 9.45 11.29 29.47
CA THR B 258 9.15 9.87 29.16
C THR B 258 10.36 8.98 29.45
N GLY B 259 11.55 9.44 29.05
CA GLY B 259 12.80 8.77 29.33
C GLY B 259 13.00 8.55 30.81
N ALA B 260 12.82 9.58 31.64
CA ALA B 260 12.96 9.34 33.09
C ALA B 260 12.01 8.25 33.61
N THR B 261 10.77 8.21 33.13
CA THR B 261 9.80 7.17 33.59
C THR B 261 10.21 5.75 33.14
N VAL B 262 10.70 5.65 31.91
CA VAL B 262 11.19 4.40 31.36
C VAL B 262 12.36 3.92 32.20
N CYS B 263 13.33 4.78 32.50
CA CYS B 263 14.45 4.34 33.35
C CYS B 263 14.02 3.85 34.74
N LEU B 264 13.12 4.61 35.38
CA LEU B 264 12.75 4.26 36.73
C LEU B 264 11.98 2.94 36.66
N GLY B 265 11.12 2.80 35.66
CA GLY B 265 10.37 1.57 35.41
C GLY B 265 11.30 0.37 35.30
N ILE B 266 12.35 0.47 34.53
CA ILE B 266 13.30 -0.64 34.38
C ILE B 266 14.06 -0.90 35.65
N GLU B 267 14.49 0.17 36.33
CA GLU B 267 15.11 -0.04 37.63
C GLU B 267 14.16 -0.78 38.63
N LYS B 268 12.85 -0.54 38.55
CA LYS B 268 11.88 -1.23 39.40
C LYS B 268 11.46 -2.63 38.90
N GLY B 269 11.99 -3.06 37.77
CA GLY B 269 11.90 -4.44 37.36
C GLY B 269 10.89 -4.73 36.27
N CYS B 270 10.38 -3.72 35.53
CA CYS B 270 9.44 -4.02 34.46
CA CYS B 270 9.43 -4.02 34.44
C CYS B 270 10.11 -4.79 33.30
N GLU B 271 9.35 -5.65 32.61
CA GLU B 271 9.90 -6.44 31.50
C GLU B 271 9.67 -5.83 30.06
N PHE B 272 8.64 -4.98 29.95
CA PHE B 272 8.33 -4.24 28.70
C PHE B 272 8.04 -2.80 29.02
N VAL B 273 8.27 -1.91 28.03
CA VAL B 273 7.81 -0.53 28.05
C VAL B 273 7.11 -0.27 26.69
N ARG B 274 5.99 0.43 26.73
CA ARG B 274 5.20 0.79 25.56
C ARG B 274 5.43 2.29 25.27
N VAL B 275 6.04 2.59 24.11
CA VAL B 275 6.58 3.92 23.83
C VAL B 275 6.28 4.37 22.40
N HIS B 276 6.20 5.67 22.18
CA HIS B 276 6.15 6.23 20.82
C HIS B 276 7.53 6.48 20.29
N ASP B 277 8.46 6.95 21.16
CA ASP B 277 9.82 7.32 20.63
C ASP B 277 10.77 6.10 20.75
N VAL B 278 10.69 5.26 19.75
CA VAL B 278 11.32 3.95 19.80
C VAL B 278 12.84 4.08 19.81
N LYS B 279 13.39 4.86 18.90
CA LYS B 279 14.82 4.95 18.76
C LYS B 279 15.44 5.42 20.08
N GLU B 280 14.89 6.50 20.63
CA GLU B 280 15.40 7.13 21.83
C GLU B 280 15.24 6.23 23.09
N MET B 281 14.07 5.59 23.24
CA MET B 281 13.79 4.73 24.38
C MET B 281 14.52 3.40 24.37
N SER B 282 14.80 2.90 23.17
CA SER B 282 15.63 1.72 23.04
C SER B 282 17.09 1.90 23.51
N ARG B 283 17.74 2.99 23.14
CA ARG B 283 19.08 3.39 23.67
C ARG B 283 19.06 3.56 25.19
N MET B 284 18.03 4.22 25.71
CA MET B 284 17.91 4.44 27.14
C MET B 284 17.74 3.10 27.84
N ALA B 285 16.82 2.26 27.36
CA ALA B 285 16.57 0.91 27.95
C ALA B 285 17.83 0.05 27.91
N LYS B 286 18.54 0.07 26.79
CA LYS B 286 19.80 -0.66 26.59
C LYS B 286 20.88 -0.24 27.63
N MET B 287 21.04 1.08 27.82
CA MET B 287 21.93 1.60 28.82
C MET B 287 21.45 1.19 30.23
N MET B 288 20.15 1.34 30.54
CA MET B 288 19.60 0.80 31.84
C MET B 288 19.93 -0.68 32.11
N ASP B 289 19.56 -1.57 31.18
CA ASP B 289 19.85 -3.03 31.29
C ASP B 289 21.33 -3.28 31.60
N ALA B 290 22.22 -2.58 30.88
CA ALA B 290 23.66 -2.75 31.15
C ALA B 290 24.04 -2.36 32.60
N MET B 291 23.46 -1.25 33.10
CA MET B 291 23.83 -0.82 34.45
C MET B 291 23.24 -1.79 35.48
N ILE B 292 21.96 -2.11 35.32
CA ILE B 292 21.30 -2.91 36.35
C ILE B 292 21.73 -4.39 36.26
N GLY B 293 22.24 -4.84 35.11
CA GLY B 293 22.82 -6.17 34.95
C GLY B 293 21.82 -7.16 34.38
N LYS B 294 20.77 -6.68 33.72
CA LYS B 294 19.79 -7.52 33.00
C LYS B 294 20.51 -8.26 31.84
#